data_4YC4
#
_entry.id   4YC4
#
_cell.length_a   79.414
_cell.length_b   103.770
_cell.length_c   78.109
_cell.angle_alpha   90.00
_cell.angle_beta   90.00
_cell.angle_gamma   90.00
#
_symmetry.space_group_name_H-M   'P 21 21 2'
#
loop_
_entity.id
_entity.type
_entity.pdbx_description
1 polymer 'Phosphatidylinositol 4-kinase type 2-alpha,Lysozyme,Phosphatidylinositol 4-kinase type 2-alpha'
2 non-polymer [(1S,3S,4S)-3-(6-amino-9H-purin-9-yl)bicyclo[2.2.1]hept-1-yl]methanol
3 non-polymer "ADENOSINE-5'-DIPHOSPHATE"
4 water water
#
_entity_poly.entity_id   1
_entity_poly.type   'polypeptide(L)'
_entity_poly.pdbx_seq_one_letter_code
;GAMGTVAAQAQALAAQAAAAAHAAQAHRERNEFPEDPEFEAVVRQAELAIERCIFPERIYQGSSGSYFVKDPQGRIIAVF
KPKNEEPYGHLNPKWTKWLQKGTGNIFEMLRIDEGLRLKIYKDTEGYYTIGIGHLLTKSPSLNAAKSELDKAIGRNTNGV
ITKDEAEKLFNQDVDAAVRGILRNAKLKPVYDSLDAVRRAALINMVFQMGETGVAGFTNSLRMLQQKRWDEAAVNLAKSR
WYNQTPNRAKRVITTFRTGTWDAYKNLGRDCLVLNQGYLSEAGASLVDQKLELNIVPRTKVVYLASETFNYSAIDRVKSR
GKRLALEKVPKVGQRFNRIGLPPKVGSFQLFVEGYKDADYWLRRFEAEPLPENTNRQLLLQFERLVVLDYIIRNTDRGND
NWLIKYDCPMDSSSSRDTDWVVVKEPVIKVAAIDNGLAFPLKHPDSWRAYPFYWAWLPQAKVPFSQEIKDLILPKISDPN
FVKDLEEDLYELFKKDPGFDRGQFHKQIAVMRGQILNLTQALKDNKSPLHLVQMPPVIVETARSHQRSSSESYTQS
;
_entity_poly.pdbx_strand_id   A
#
loop_
_chem_comp.id
_chem_comp.type
_chem_comp.name
_chem_comp.formula
ADP non-polymer ADENOSINE-5'-DIPHOSPHATE 'C10 H15 N5 O10 P2'
M59 non-polymer [(1S,3S,4S)-3-(6-amino-9H-purin-9-yl)bicyclo[2.2.1]hept-1-yl]methanol 'C13 H17 N5 O'
#
# COMPACT_ATOMS: atom_id res chain seq x y z
N ARG A 30 -10.76 -24.07 -4.23
CA ARG A 30 -11.80 -23.28 -4.89
C ARG A 30 -11.28 -22.51 -6.14
N ASN A 31 -10.35 -23.09 -6.92
CA ASN A 31 -9.82 -22.36 -8.08
C ASN A 31 -10.33 -22.84 -9.42
N GLU A 32 -11.25 -22.12 -10.05
CA GLU A 32 -11.66 -22.52 -11.40
C GLU A 32 -11.95 -21.33 -12.29
N PHE A 33 -11.52 -21.43 -13.54
CA PHE A 33 -11.70 -20.34 -14.49
C PHE A 33 -12.12 -20.92 -15.83
N PRO A 34 -13.42 -21.19 -15.99
CA PRO A 34 -13.87 -21.81 -17.25
C PRO A 34 -13.73 -20.84 -18.45
N GLU A 35 -13.82 -19.54 -18.18
CA GLU A 35 -13.55 -18.51 -19.19
C GLU A 35 -12.13 -18.59 -19.73
N ASP A 36 -11.21 -19.11 -18.93
CA ASP A 36 -9.79 -19.16 -19.31
C ASP A 36 -9.09 -20.49 -18.98
N PRO A 37 -9.45 -21.56 -19.69
CA PRO A 37 -8.85 -22.89 -19.48
C PRO A 37 -7.32 -22.96 -19.59
N GLU A 38 -6.65 -22.04 -20.28
CA GLU A 38 -5.18 -22.09 -20.24
C GLU A 38 -4.64 -21.68 -18.90
N PHE A 39 -5.28 -20.69 -18.34
CA PHE A 39 -4.87 -20.16 -17.08
C PHE A 39 -5.14 -21.21 -16.04
N GLU A 40 -6.27 -21.87 -16.18
CA GLU A 40 -6.66 -22.80 -15.16
C GLU A 40 -5.63 -23.92 -15.18
N ALA A 41 -5.23 -24.32 -16.39
CA ALA A 41 -4.23 -25.37 -16.56
C ALA A 41 -2.91 -25.03 -15.89
N VAL A 42 -2.47 -23.77 -15.96
CA VAL A 42 -1.21 -23.40 -15.32
C VAL A 42 -1.40 -23.48 -13.82
N VAL A 43 -2.57 -23.07 -13.36
CA VAL A 43 -2.85 -23.09 -11.93
C VAL A 43 -2.81 -24.54 -11.42
N ARG A 44 -3.31 -25.47 -12.24
CA ARG A 44 -3.35 -26.90 -11.88
C ARG A 44 -1.97 -27.53 -11.76
N GLN A 45 -1.04 -27.10 -12.60
CA GLN A 45 0.36 -27.49 -12.46
C GLN A 45 0.93 -26.94 -11.17
N ALA A 46 0.56 -25.71 -10.81
CA ALA A 46 1.07 -25.11 -9.57
C ALA A 46 0.68 -25.97 -8.39
N GLU A 47 -0.61 -26.24 -8.26
CA GLU A 47 -1.09 -27.09 -7.17
C GLU A 47 -0.38 -28.44 -7.20
N LEU A 48 -0.41 -29.11 -8.33
CA LEU A 48 0.27 -30.40 -8.42
C LEU A 48 1.72 -30.34 -7.96
N ALA A 49 2.45 -29.31 -8.35
CA ALA A 49 3.85 -29.20 -7.92
C ALA A 49 4.00 -29.07 -6.41
N ILE A 50 2.99 -28.46 -5.80
CA ILE A 50 2.98 -28.25 -4.37
C ILE A 50 2.72 -29.60 -3.70
N GLU A 51 1.75 -30.34 -4.25
CA GLU A 51 1.44 -31.66 -3.74
C GLU A 51 2.74 -32.45 -3.75
N ARG A 52 3.55 -32.21 -4.78
CA ARG A 52 4.79 -32.94 -4.97
C ARG A 52 5.96 -32.32 -4.21
N CYS A 53 5.62 -31.32 -3.41
CA CYS A 53 6.59 -30.61 -2.59
C CYS A 53 7.62 -29.86 -3.42
N ILE A 54 7.22 -29.35 -4.57
CA ILE A 54 8.09 -28.40 -5.24
C ILE A 54 7.40 -27.08 -5.04
N PHE A 55 7.91 -26.30 -4.09
CA PHE A 55 7.21 -25.15 -3.55
C PHE A 55 7.53 -23.86 -4.27
N PRO A 56 6.54 -22.98 -4.35
CA PRO A 56 6.81 -21.64 -4.85
C PRO A 56 7.95 -21.08 -4.00
N GLU A 57 8.97 -20.52 -4.63
CA GLU A 57 10.11 -20.03 -3.90
C GLU A 57 10.04 -18.52 -3.73
N ARG A 58 10.46 -18.04 -2.57
CA ARG A 58 10.34 -16.64 -2.25
C ARG A 58 11.35 -15.85 -3.07
N ILE A 59 10.83 -14.86 -3.80
CA ILE A 59 11.63 -13.93 -4.58
C ILE A 59 12.51 -13.14 -3.61
N TYR A 60 13.82 -13.16 -3.82
CA TYR A 60 14.72 -12.20 -3.18
C TYR A 60 14.62 -10.81 -3.79
N GLN A 61 14.55 -10.75 -5.12
CA GLN A 61 14.59 -9.50 -5.89
C GLN A 61 13.52 -8.42 -5.63
N GLY A 62 12.39 -8.76 -5.03
CA GLY A 62 11.57 -7.71 -4.44
C GLY A 62 11.47 -7.65 -2.94
N SER A 63 10.77 -6.63 -2.45
CA SER A 63 10.24 -6.67 -1.09
C SER A 63 9.39 -7.96 -1.09
N SER A 64 9.26 -8.60 0.07
CA SER A 64 9.33 -10.06 0.06
C SER A 64 8.07 -10.94 0.07
N GLY A 65 6.91 -10.42 -0.34
CA GLY A 65 5.68 -11.20 -0.22
C GLY A 65 5.31 -11.79 -1.59
N SER A 66 6.32 -11.82 -2.47
CA SER A 66 6.35 -12.43 -3.81
C SER A 66 7.05 -13.77 -4.03
N TYR A 67 6.39 -14.68 -4.75
CA TYR A 67 6.96 -16.00 -4.95
C TYR A 67 7.03 -16.43 -6.43
N PHE A 68 8.01 -17.26 -6.73
CA PHE A 68 8.07 -17.93 -8.02
C PHE A 68 7.42 -19.26 -7.90
N VAL A 69 6.24 -19.38 -8.50
CA VAL A 69 5.50 -20.61 -8.60
C VAL A 69 6.21 -21.47 -9.66
N LYS A 70 6.38 -22.74 -9.36
CA LYS A 70 7.04 -23.63 -10.30
C LYS A 70 6.11 -24.78 -10.59
N ASP A 71 6.30 -25.45 -11.71
CA ASP A 71 5.53 -26.66 -11.97
C ASP A 71 6.26 -27.92 -11.53
N PRO A 72 5.59 -29.09 -11.62
CA PRO A 72 6.26 -30.28 -11.08
C PRO A 72 7.66 -30.52 -11.68
N GLN A 73 7.97 -29.94 -12.84
CA GLN A 73 9.30 -30.07 -13.45
C GLN A 73 10.27 -28.98 -12.98
N GLY A 74 9.84 -28.17 -12.01
CA GLY A 74 10.72 -27.15 -11.47
C GLY A 74 10.83 -25.84 -12.23
N ARG A 75 10.19 -25.74 -13.38
CA ARG A 75 10.22 -24.50 -14.14
C ARG A 75 9.29 -23.46 -13.52
N ILE A 76 9.59 -22.19 -13.80
CA ILE A 76 8.87 -21.08 -13.21
C ILE A 76 7.72 -20.75 -14.12
N ILE A 77 6.51 -21.07 -13.65
CA ILE A 77 5.31 -20.78 -14.39
C ILE A 77 4.55 -19.53 -13.97
N ALA A 78 4.83 -18.98 -12.80
CA ALA A 78 3.98 -17.90 -12.32
C ALA A 78 4.60 -17.08 -11.20
N VAL A 79 4.09 -15.87 -11.03
CA VAL A 79 4.46 -15.01 -9.92
C VAL A 79 3.23 -14.87 -9.02
N PHE A 80 3.41 -15.13 -7.73
CA PHE A 80 2.30 -15.13 -6.77
C PHE A 80 2.50 -14.17 -5.61
N LYS A 81 1.49 -13.36 -5.31
CA LYS A 81 1.60 -12.33 -4.29
C LYS A 81 0.42 -12.47 -3.33
N PRO A 82 0.60 -13.23 -2.26
CA PRO A 82 -0.51 -13.34 -1.29
C PRO A 82 -0.88 -11.99 -0.69
N LYS A 83 -2.18 -11.76 -0.56
CA LYS A 83 -2.73 -10.59 0.09
C LYS A 83 -2.11 -10.36 1.47
N ASN A 84 -2.16 -11.38 2.33
CA ASN A 84 -1.69 -11.20 3.71
C ASN A 84 -0.18 -11.04 3.83
N GLU A 85 0.56 -11.30 2.77
CA GLU A 85 2.00 -10.97 2.77
C GLU A 85 2.34 -9.61 2.07
N GLU A 86 1.30 -8.85 1.74
CA GLU A 86 1.45 -7.51 1.17
C GLU A 86 2.24 -6.53 2.07
N PRO A 87 2.84 -5.48 1.48
CA PRO A 87 3.61 -4.52 2.33
C PRO A 87 2.88 -4.01 3.58
N TYR A 88 1.59 -3.71 3.49
CA TYR A 88 0.75 -3.39 4.64
C TYR A 88 0.18 -4.67 5.23
N GLY A 89 0.56 -5.79 4.65
CA GLY A 89 0.00 -7.08 5.04
C GLY A 89 0.29 -7.61 6.43
N HIS A 90 -0.70 -8.27 6.99
CA HIS A 90 -0.64 -8.83 8.33
C HIS A 90 0.44 -9.89 8.51
N LEU A 91 0.59 -10.75 7.53
CA LEU A 91 1.55 -11.84 7.63
C LEU A 91 2.81 -11.48 6.84
N ASN A 92 2.98 -10.19 6.53
CA ASN A 92 4.18 -9.75 5.81
C ASN A 92 5.40 -10.09 6.64
N PRO A 93 6.38 -10.77 6.01
CA PRO A 93 7.57 -11.19 6.72
C PRO A 93 8.34 -10.02 7.32
N LYS A 94 8.43 -8.92 6.57
CA LYS A 94 9.21 -7.79 7.05
C LYS A 94 8.66 -7.21 8.34
N TRP A 95 7.35 -7.14 8.44
CA TRP A 95 6.69 -6.54 9.60
C TRP A 95 6.26 -7.49 10.74
N THR A 96 6.53 -8.78 10.62
CA THR A 96 6.19 -9.72 11.71
C THR A 96 6.98 -9.49 12.99
N LYS A 97 8.26 -9.18 12.84
CA LYS A 97 9.16 -8.91 13.95
C LYS A 97 8.56 -7.79 14.79
N TRP A 98 7.99 -6.84 14.07
CA TRP A 98 7.35 -5.71 14.68
C TRP A 98 6.18 -6.19 15.55
N LEU A 99 5.44 -7.17 15.05
CA LEU A 99 4.20 -7.59 15.67
C LEU A 99 4.50 -8.42 16.91
N GLN A 100 5.73 -8.91 16.97
CA GLN A 100 6.23 -9.69 18.09
C GLN A 100 6.29 -8.80 19.35
N LYS A 101 6.74 -7.57 19.16
CA LYS A 101 7.07 -6.67 20.27
C LYS A 101 5.86 -6.54 21.19
N GLY A 102 4.66 -6.57 20.62
CA GLY A 102 3.44 -6.38 21.37
C GLY A 102 3.38 -4.93 21.82
N THR A 103 3.18 -4.74 23.12
CA THR A 103 3.08 -3.40 23.70
C THR A 103 4.43 -2.70 23.51
N GLY A 104 5.51 -3.48 23.53
CA GLY A 104 6.85 -2.95 23.35
C GLY A 104 7.02 -2.06 22.11
N ASN A 105 5.97 -1.96 21.29
CA ASN A 105 5.99 -1.03 20.16
C ASN A 105 5.65 0.38 20.59
N ILE A 106 5.34 0.55 21.87
CA ILE A 106 4.99 1.87 22.40
C ILE A 106 6.12 2.87 22.11
N PHE A 107 7.37 2.40 22.21
CA PHE A 107 8.51 3.26 21.93
C PHE A 107 8.48 3.80 20.48
N GLU A 108 8.50 2.92 19.48
CA GLU A 108 8.42 3.38 18.11
C GLU A 108 7.14 4.15 17.88
N MET A 109 6.06 3.69 18.47
CA MET A 109 4.80 4.38 18.24
C MET A 109 4.94 5.86 18.63
N LEU A 110 5.54 6.08 19.80
CA LEU A 110 5.67 7.43 20.29
C LEU A 110 6.78 8.20 19.58
N ARG A 111 7.84 7.53 19.14
CA ARG A 111 8.92 8.16 18.37
C ARG A 111 8.33 8.75 17.11
N ILE A 112 7.38 8.03 16.55
CA ILE A 112 6.72 8.48 15.37
C ILE A 112 5.81 9.69 15.66
N ASP A 113 5.00 9.61 16.70
CA ASP A 113 4.16 10.74 17.05
C ASP A 113 4.94 11.97 17.55
N GLU A 114 5.95 11.78 18.39
CA GLU A 114 6.67 12.91 18.98
C GLU A 114 7.90 13.41 18.21
N GLY A 115 8.42 12.61 17.29
CA GLY A 115 9.67 12.97 16.65
C GLY A 115 10.81 13.08 17.64
N LEU A 116 11.91 13.70 17.22
CA LEU A 116 13.07 13.94 18.08
C LEU A 116 13.57 15.36 17.98
N ARG A 117 13.71 16.07 19.10
CA ARG A 117 14.36 17.38 19.02
C ARG A 117 15.44 17.55 20.07
N LEU A 118 16.57 18.10 19.69
CA LEU A 118 17.68 18.23 20.63
C LEU A 118 17.77 19.60 21.30
N LYS A 119 16.80 20.47 21.00
CA LYS A 119 16.75 21.82 21.59
C LYS A 119 15.34 22.22 22.04
N ILE A 120 15.23 23.06 23.06
CA ILE A 120 13.91 23.42 23.60
C ILE A 120 13.04 23.93 22.49
N TYR A 121 11.83 23.42 22.39
CA TYR A 121 10.88 23.97 21.43
C TYR A 121 9.52 24.07 22.12
N LYS A 122 8.55 24.70 21.49
CA LYS A 122 7.17 24.72 22.00
C LYS A 122 6.25 23.66 21.37
N ASP A 123 5.45 22.99 22.19
CA ASP A 123 4.46 22.01 21.73
C ASP A 123 3.27 22.71 21.09
N THR A 124 2.24 21.94 20.77
CA THR A 124 1.06 22.45 20.11
C THR A 124 0.35 23.54 20.89
N GLU A 125 0.39 23.40 22.21
CA GLU A 125 -0.26 24.34 23.12
C GLU A 125 0.60 25.53 23.50
N GLY A 126 1.87 25.48 23.13
CA GLY A 126 2.78 26.58 23.40
C GLY A 126 3.71 26.31 24.58
N TYR A 127 3.76 25.06 25.04
CA TYR A 127 4.53 24.70 26.24
C TYR A 127 5.91 24.25 25.91
N TYR A 128 6.84 24.58 26.77
CA TYR A 128 8.24 24.30 26.48
C TYR A 128 8.53 22.78 26.51
N THR A 129 9.11 22.26 25.44
CA THR A 129 9.32 20.83 25.29
C THR A 129 10.70 20.48 24.79
N ILE A 130 11.12 19.22 24.94
CA ILE A 130 12.39 18.79 24.40
C ILE A 130 12.47 17.27 24.17
N GLY A 131 13.45 16.84 23.39
CA GLY A 131 13.63 15.45 23.03
C GLY A 131 12.41 14.84 22.36
N ILE A 132 11.92 13.73 22.92
CA ILE A 132 10.74 13.08 22.37
C ILE A 132 9.58 13.37 23.29
N GLY A 133 8.75 14.32 22.89
CA GLY A 133 7.60 14.75 23.64
C GLY A 133 7.81 15.07 25.12
N HIS A 134 9.01 15.43 25.55
CA HIS A 134 9.16 15.64 26.99
C HIS A 134 8.79 17.08 27.37
N LEU A 135 7.68 17.21 28.10
CA LEU A 135 7.21 18.50 28.57
C LEU A 135 8.04 18.98 29.75
N LEU A 136 8.64 20.16 29.60
CA LEU A 136 9.43 20.73 30.68
C LEU A 136 8.66 21.50 31.74
N THR A 137 7.80 22.40 31.29
CA THR A 137 6.97 23.21 32.17
C THR A 137 5.81 23.80 31.38
N LYS A 138 4.74 24.19 32.07
CA LYS A 138 3.69 24.93 31.40
C LYS A 138 3.91 26.43 31.56
N SER A 139 4.98 26.80 32.26
CA SER A 139 5.40 28.19 32.43
C SER A 139 5.91 28.82 31.12
N PRO A 140 5.61 30.12 30.91
CA PRO A 140 6.02 30.94 29.76
C PRO A 140 7.51 31.31 29.70
N SER A 141 8.20 31.25 30.83
CA SER A 141 9.63 31.59 30.90
C SER A 141 10.54 30.53 30.31
N LEU A 142 11.34 30.91 29.35
CA LEU A 142 12.28 29.99 28.77
C LEU A 142 13.36 29.60 29.77
N ASN A 143 13.64 30.42 30.77
CA ASN A 143 14.64 29.97 31.75
C ASN A 143 14.04 29.07 32.84
N ALA A 144 12.73 29.18 33.05
CA ALA A 144 12.04 28.20 33.86
C ALA A 144 12.32 26.87 33.19
N ALA A 145 11.98 26.79 31.92
CA ALA A 145 12.17 25.59 31.13
C ALA A 145 13.61 25.13 31.12
N LYS A 146 14.55 26.06 31.00
CA LYS A 146 15.94 25.67 30.85
C LYS A 146 16.37 25.15 32.22
N SER A 147 15.90 25.82 33.27
CA SER A 147 16.12 25.37 34.64
C SER A 147 15.55 23.97 34.82
N GLU A 148 14.26 23.80 34.51
CA GLU A 148 13.67 22.49 34.64
C GLU A 148 14.45 21.41 33.87
N LEU A 149 15.05 21.78 32.75
CA LEU A 149 15.89 20.88 31.93
C LEU A 149 17.24 20.51 32.54
N ASP A 150 17.95 21.49 33.11
CA ASP A 150 19.21 21.14 33.74
C ASP A 150 19.03 20.18 34.90
N LYS A 151 17.98 20.40 35.69
CA LYS A 151 17.61 19.51 36.77
C LYS A 151 17.51 18.06 36.27
N ALA A 152 16.69 17.89 35.23
CA ALA A 152 16.43 16.59 34.62
C ALA A 152 17.70 15.90 34.10
N ILE A 153 18.50 16.62 33.34
CA ILE A 153 19.66 16.00 32.69
C ILE A 153 20.87 15.84 33.61
N GLY A 154 20.99 16.73 34.59
CA GLY A 154 22.12 16.68 35.50
C GLY A 154 23.29 17.60 35.15
N ARG A 155 23.10 18.59 34.27
CA ARG A 155 24.19 19.50 33.87
C ARG A 155 23.61 20.83 33.37
N ASN A 156 24.48 21.75 32.92
CA ASN A 156 23.97 22.97 32.30
C ASN A 156 23.84 22.75 30.80
N THR A 157 22.60 22.58 30.37
CA THR A 157 22.27 22.12 29.02
C THR A 157 22.30 23.25 28.01
N ASN A 158 22.00 24.44 28.50
CA ASN A 158 21.83 25.58 27.63
C ASN A 158 20.72 25.28 26.64
N GLY A 159 19.68 24.61 27.12
CA GLY A 159 18.52 24.36 26.28
C GLY A 159 18.79 23.31 25.21
N VAL A 160 20.00 22.77 25.17
CA VAL A 160 20.35 21.77 24.19
C VAL A 160 20.83 20.43 24.79
N ILE A 161 20.19 19.33 24.40
CA ILE A 161 20.56 17.99 24.88
C ILE A 161 21.02 17.03 23.77
N THR A 162 21.50 15.84 24.15
CA THR A 162 21.91 14.83 23.16
C THR A 162 20.87 13.73 22.80
N LYS A 163 21.24 12.88 21.85
CA LYS A 163 20.44 11.70 21.50
C LYS A 163 20.29 10.76 22.68
N ASP A 164 21.38 10.49 23.37
CA ASP A 164 21.26 9.56 24.50
C ASP A 164 20.46 10.21 25.63
N GLU A 165 20.68 11.50 25.85
CA GLU A 165 19.95 12.21 26.90
C GLU A 165 18.46 12.21 26.61
N ALA A 166 18.11 12.38 25.32
CA ALA A 166 16.70 12.43 24.95
C ALA A 166 16.06 11.06 25.12
N GLU A 167 16.79 10.02 24.73
CA GLU A 167 16.35 8.66 24.99
C GLU A 167 16.14 8.32 26.46
N LYS A 168 17.05 8.75 27.34
CA LYS A 168 16.89 8.46 28.76
C LYS A 168 15.65 9.16 29.34
N LEU A 169 15.40 10.39 28.91
CA LEU A 169 14.18 11.06 29.35
C LEU A 169 13.00 10.25 28.86
N PHE A 170 13.14 9.73 27.64
CA PHE A 170 12.09 9.01 26.99
C PHE A 170 11.61 7.78 27.77
N ASN A 171 12.52 6.86 28.10
CA ASN A 171 12.12 5.73 28.93
C ASN A 171 11.46 6.18 30.19
N GLN A 172 12.06 7.13 30.91
CA GLN A 172 11.46 7.53 32.16
C GLN A 172 10.07 7.98 31.91
N ASP A 173 9.88 8.71 30.84
CA ASP A 173 8.56 9.20 30.55
C ASP A 173 7.58 8.06 30.18
N VAL A 174 8.06 7.02 29.50
CA VAL A 174 7.26 5.83 29.24
C VAL A 174 6.94 5.05 30.52
N ASP A 175 7.95 4.82 31.35
CA ASP A 175 7.70 4.24 32.67
C ASP A 175 6.66 4.98 33.46
N ALA A 176 6.80 6.29 33.49
CA ALA A 176 5.89 7.14 34.23
C ALA A 176 4.48 6.99 33.69
N ALA A 177 4.34 6.87 32.37
CA ALA A 177 3.02 6.66 31.76
C ALA A 177 2.41 5.32 32.22
N VAL A 178 3.16 4.24 32.04
CA VAL A 178 2.74 2.94 32.54
C VAL A 178 2.35 2.98 34.06
N ARG A 179 3.18 3.65 34.86
CA ARG A 179 2.86 3.82 36.27
C ARG A 179 1.55 4.59 36.39
N GLY A 180 1.40 5.68 35.66
CA GLY A 180 0.15 6.41 35.75
C GLY A 180 -1.10 5.58 35.52
N ILE A 181 -1.01 4.60 34.62
CA ILE A 181 -2.14 3.74 34.26
C ILE A 181 -2.45 2.71 35.35
N LEU A 182 -1.40 2.04 35.84
CA LEU A 182 -1.48 0.97 36.84
C LEU A 182 -1.72 1.44 38.31
N ARG A 183 -1.35 2.68 38.62
CA ARG A 183 -1.56 3.32 39.94
C ARG A 183 -2.96 3.82 40.01
N ASN A 184 -3.67 3.68 38.91
CA ASN A 184 -4.98 4.29 38.81
C ASN A 184 -6.17 3.33 38.73
N ALA A 185 -7.21 3.62 39.49
CA ALA A 185 -8.33 2.71 39.65
C ALA A 185 -9.21 2.72 38.39
N LYS A 186 -9.42 3.89 37.80
CA LYS A 186 -10.21 4.02 36.56
C LYS A 186 -9.54 3.45 35.29
N LEU A 187 -8.22 3.68 35.17
CA LEU A 187 -7.50 3.27 33.98
C LEU A 187 -7.15 1.79 33.94
N LYS A 188 -6.63 1.29 35.06
CA LYS A 188 -6.06 -0.05 35.16
C LYS A 188 -7.07 -1.10 34.65
N PRO A 189 -8.32 -1.01 35.14
CA PRO A 189 -9.25 -2.04 34.69
C PRO A 189 -9.27 -2.13 33.18
N VAL A 190 -9.46 -1.00 32.50
CA VAL A 190 -9.48 -1.00 31.05
C VAL A 190 -8.19 -1.61 30.55
N TYR A 191 -7.07 -1.07 31.03
CA TYR A 191 -5.79 -1.51 30.53
C TYR A 191 -5.59 -3.02 30.60
N ASP A 192 -5.98 -3.63 31.71
CA ASP A 192 -5.77 -5.06 31.87
C ASP A 192 -6.63 -5.87 30.89
N SER A 193 -7.79 -5.31 30.52
CA SER A 193 -8.70 -5.97 29.59
C SER A 193 -8.34 -5.76 28.13
N LEU A 194 -7.41 -4.86 27.84
CA LEU A 194 -7.05 -4.60 26.45
C LEU A 194 -5.97 -5.57 25.94
N ASP A 195 -6.04 -5.88 24.67
CA ASP A 195 -5.00 -6.64 23.98
C ASP A 195 -3.71 -5.82 23.90
N ALA A 196 -2.58 -6.47 23.65
CA ALA A 196 -1.29 -5.79 23.65
C ALA A 196 -1.24 -4.49 22.85
N VAL A 197 -1.97 -4.43 21.74
CA VAL A 197 -1.91 -3.29 20.84
C VAL A 197 -2.70 -2.11 21.36
N ARG A 198 -3.95 -2.34 21.78
CA ARG A 198 -4.74 -1.28 22.39
C ARG A 198 -4.03 -0.76 23.67
N ARG A 199 -3.49 -1.65 24.50
CA ARG A 199 -2.74 -1.17 25.67
C ARG A 199 -1.74 -0.07 25.28
N ALA A 200 -1.01 -0.32 24.20
CA ALA A 200 -0.06 0.64 23.67
C ALA A 200 -0.76 1.93 23.33
N ALA A 201 -2.01 1.85 22.92
CA ALA A 201 -2.72 3.06 22.56
C ALA A 201 -3.05 3.84 23.83
N LEU A 202 -3.38 3.15 24.90
CA LEU A 202 -3.79 3.85 26.09
C LEU A 202 -2.56 4.51 26.71
N ILE A 203 -1.43 3.79 26.71
CA ILE A 203 -0.17 4.39 27.12
C ILE A 203 0.14 5.64 26.31
N ASN A 204 -0.02 5.56 24.98
CA ASN A 204 0.17 6.74 24.14
C ASN A 204 -0.56 7.97 24.67
N MET A 205 -1.80 7.79 25.08
CA MET A 205 -2.59 8.93 25.50
C MET A 205 -2.05 9.48 26.80
N VAL A 206 -1.74 8.57 27.73
CA VAL A 206 -1.30 8.94 29.05
C VAL A 206 0.12 9.52 28.97
N PHE A 207 0.77 9.31 27.84
CA PHE A 207 2.08 9.92 27.57
C PHE A 207 1.83 11.36 27.23
N GLN A 208 0.83 11.56 26.40
CA GLN A 208 0.49 12.89 25.99
C GLN A 208 -0.28 13.69 27.04
N MET A 209 -1.34 13.15 27.61
CA MET A 209 -2.17 13.86 28.58
C MET A 209 -1.91 13.58 30.06
N GLY A 210 -1.13 12.54 30.35
CA GLY A 210 -0.90 12.15 31.71
C GLY A 210 -2.05 11.39 32.33
N GLU A 211 -1.76 10.72 33.45
CA GLU A 211 -2.66 9.86 34.22
C GLU A 211 -4.02 10.53 34.38
N THR A 212 -4.06 11.60 35.17
CA THR A 212 -5.33 12.28 35.46
C THR A 212 -6.14 12.67 34.22
N GLY A 213 -5.49 13.10 33.17
CA GLY A 213 -6.21 13.55 32.01
C GLY A 213 -6.98 12.48 31.25
N VAL A 214 -6.35 11.34 31.06
CA VAL A 214 -7.00 10.28 30.31
C VAL A 214 -8.14 9.67 31.09
N ALA A 215 -8.10 9.82 32.41
CA ALA A 215 -9.12 9.24 33.26
C ALA A 215 -10.37 10.08 33.30
N GLY A 216 -10.37 11.20 32.58
CA GLY A 216 -11.55 12.04 32.48
C GLY A 216 -12.39 11.71 31.26
N PHE A 217 -11.96 10.65 30.56
CA PHE A 217 -12.59 10.14 29.33
C PHE A 217 -13.60 9.05 29.67
N THR A 218 -13.98 8.98 30.95
CA THR A 218 -14.56 7.79 31.56
C THR A 218 -15.55 7.02 30.66
N ASN A 219 -16.37 7.76 29.91
CA ASN A 219 -17.19 7.16 28.88
C ASN A 219 -16.43 6.18 27.99
N SER A 220 -15.53 6.73 27.19
CA SER A 220 -14.75 5.96 26.24
C SER A 220 -14.01 4.77 26.89
N LEU A 221 -13.59 4.93 28.13
CA LEU A 221 -12.98 3.82 28.87
C LEU A 221 -14.00 2.73 29.05
N ARG A 222 -15.26 3.13 29.22
CA ARG A 222 -16.33 2.15 29.30
C ARG A 222 -16.39 1.28 28.07
N MET A 223 -16.50 1.93 26.91
CA MET A 223 -16.58 1.19 25.66
C MET A 223 -15.33 0.32 25.52
N LEU A 224 -14.15 0.92 25.57
CA LEU A 224 -12.94 0.10 25.51
C LEU A 224 -13.04 -1.12 26.43
N GLN A 225 -13.60 -0.97 27.63
CA GLN A 225 -13.68 -2.09 28.57
C GLN A 225 -14.64 -3.18 28.10
N GLN A 226 -15.74 -2.74 27.49
CA GLN A 226 -16.75 -3.65 26.98
C GLN A 226 -16.38 -4.16 25.59
N LYS A 227 -15.24 -3.70 25.10
CA LYS A 227 -14.74 -4.16 23.83
C LYS A 227 -15.43 -3.49 22.61
N ARG A 228 -16.42 -2.61 22.82
CA ARG A 228 -17.03 -2.03 21.63
C ARG A 228 -16.08 -0.98 21.08
N TRP A 229 -15.47 -1.29 19.95
CA TRP A 229 -14.48 -0.41 19.37
C TRP A 229 -15.09 0.74 18.56
N ASP A 230 -16.06 0.45 17.71
CA ASP A 230 -16.58 1.53 16.87
C ASP A 230 -17.40 2.56 17.65
N GLU A 231 -17.84 2.14 18.82
CA GLU A 231 -18.52 3.02 19.75
C GLU A 231 -17.49 4.01 20.21
N ALA A 232 -16.40 3.50 20.78
CA ALA A 232 -15.44 4.34 21.47
C ALA A 232 -14.68 5.16 20.44
N ALA A 233 -14.36 4.54 19.31
CA ALA A 233 -13.57 5.19 18.27
C ALA A 233 -14.20 6.53 17.92
N VAL A 234 -15.51 6.63 18.13
CA VAL A 234 -16.22 7.90 17.96
C VAL A 234 -15.95 8.90 19.09
N ASN A 235 -16.15 8.50 20.35
CA ASN A 235 -16.00 9.44 21.48
C ASN A 235 -14.64 10.08 21.62
N LEU A 236 -13.58 9.34 21.30
CA LEU A 236 -12.28 9.95 21.29
C LEU A 236 -12.23 10.94 20.14
N ALA A 237 -13.00 10.68 19.09
CA ALA A 237 -13.16 11.64 17.98
C ALA A 237 -13.71 13.00 18.43
N LYS A 238 -14.49 13.02 19.51
CA LYS A 238 -14.95 14.30 20.04
C LYS A 238 -14.35 14.52 21.43
N SER A 239 -13.32 15.36 21.46
CA SER A 239 -12.67 15.73 22.71
C SER A 239 -11.90 17.00 22.45
N ARG A 240 -11.53 17.69 23.52
CA ARG A 240 -10.58 18.81 23.39
C ARG A 240 -9.30 18.26 22.76
N TRP A 241 -8.96 17.02 23.12
CA TRP A 241 -7.81 16.36 22.53
C TRP A 241 -8.28 16.11 21.13
N TYR A 242 -7.40 15.66 20.25
CA TYR A 242 -7.88 15.36 18.91
C TYR A 242 -8.12 16.68 18.24
N ASN A 243 -8.90 17.54 18.92
CA ASN A 243 -9.18 18.84 18.38
C ASN A 243 -7.83 19.54 18.24
N GLN A 244 -7.02 19.46 19.29
CA GLN A 244 -5.68 20.02 19.31
C GLN A 244 -4.66 19.34 18.41
N THR A 245 -4.66 18.01 18.43
CA THR A 245 -3.70 17.19 17.69
C THR A 245 -4.41 16.08 16.90
N PRO A 246 -5.28 16.47 15.94
CA PRO A 246 -6.12 15.48 15.25
C PRO A 246 -5.33 14.46 14.46
N ASN A 247 -4.32 14.92 13.73
CA ASN A 247 -3.47 14.00 12.99
C ASN A 247 -2.94 12.84 13.83
N ARG A 248 -2.50 13.14 15.06
CA ARG A 248 -2.04 12.11 15.97
C ARG A 248 -3.22 11.39 16.59
N ALA A 249 -4.20 12.16 17.05
CA ALA A 249 -5.32 11.55 17.76
C ALA A 249 -5.96 10.49 16.85
N LYS A 250 -6.22 10.86 15.60
CA LYS A 250 -6.81 9.94 14.66
C LYS A 250 -5.94 8.72 14.42
N ARG A 251 -4.66 8.87 14.70
CA ARG A 251 -3.73 7.77 14.49
C ARG A 251 -3.84 6.76 15.61
N VAL A 252 -4.14 7.28 16.81
CA VAL A 252 -4.38 6.45 17.99
C VAL A 252 -5.77 5.87 17.94
N ILE A 253 -6.78 6.68 17.62
CA ILE A 253 -8.15 6.22 17.61
C ILE A 253 -8.31 4.94 16.76
N THR A 254 -7.66 4.91 15.60
CA THR A 254 -7.69 3.74 14.74
C THR A 254 -6.80 2.60 15.24
N THR A 255 -5.83 2.93 16.07
CA THR A 255 -5.05 1.87 16.70
C THR A 255 -5.91 1.25 17.78
N PHE A 256 -6.86 2.03 18.29
CA PHE A 256 -7.84 1.50 19.23
C PHE A 256 -8.91 0.70 18.46
N ARG A 257 -9.46 1.29 17.39
CA ARG A 257 -10.54 0.66 16.65
C ARG A 257 -10.17 -0.70 16.03
N THR A 258 -9.05 -0.75 15.31
CA THR A 258 -8.68 -1.93 14.58
C THR A 258 -7.72 -2.88 15.30
N GLY A 259 -7.33 -2.57 16.52
CA GLY A 259 -6.40 -3.44 17.21
C GLY A 259 -5.12 -3.71 16.41
N THR A 260 -4.76 -2.83 15.50
CA THR A 260 -3.56 -3.06 14.70
C THR A 260 -2.68 -1.81 14.61
N TRP A 261 -1.52 -2.00 13.96
CA TRP A 261 -0.52 -0.95 13.79
C TRP A 261 -0.68 -0.20 12.47
N ASP A 262 -1.71 -0.53 11.70
CA ASP A 262 -1.86 0.01 10.35
C ASP A 262 -1.68 1.55 10.15
N ALA A 263 -2.15 2.36 11.11
CA ALA A 263 -1.94 3.84 11.11
C ALA A 263 -0.49 4.29 11.29
N TYR A 264 0.33 3.40 11.80
CA TYR A 264 1.78 3.59 11.94
C TYR A 264 2.75 3.01 10.92
N LYS A 265 2.27 2.35 9.88
CA LYS A 265 3.20 1.95 8.83
C LYS A 265 3.30 2.74 7.51
N ASN A 266 2.32 3.58 7.18
CA ASN A 266 2.30 4.36 5.90
C ASN A 266 1.66 5.75 5.99
N LEU A 267 2.15 6.61 6.87
CA LEU A 267 1.73 8.02 6.92
C LEU A 267 2.51 9.09 6.11
N GLY A 268 2.04 9.39 4.91
CA GLY A 268 0.98 8.61 4.32
C GLY A 268 1.17 8.29 2.84
N ARG A 269 0.56 7.19 2.41
CA ARG A 269 0.38 6.95 1.00
C ARG A 269 -0.94 7.64 0.81
N ASP A 270 -1.99 6.96 1.28
CA ASP A 270 -3.27 7.59 1.55
C ASP A 270 -3.95 7.94 0.26
N CYS A 271 -3.25 7.61 -0.81
CA CYS A 271 -3.78 7.69 -2.14
C CYS A 271 -4.44 6.34 -2.46
N LEU A 272 -4.00 5.29 -1.78
CA LEU A 272 -4.43 3.94 -2.09
C LEU A 272 -5.11 3.23 -0.97
N VAL A 273 -5.99 2.28 -1.32
CA VAL A 273 -6.65 1.45 -0.35
C VAL A 273 -5.52 0.68 0.28
N LEU A 274 -5.72 0.31 1.54
CA LEU A 274 -4.63 -0.15 2.37
C LEU A 274 -3.97 -1.47 2.00
N ASN A 275 -4.77 -2.51 1.77
CA ASN A 275 -4.19 -3.82 1.50
C ASN A 275 -4.96 -4.63 0.45
N GLN A 276 -5.02 -4.08 -0.76
CA GLN A 276 -5.75 -4.70 -1.86
C GLN A 276 -4.92 -4.79 -3.13
N GLY A 277 -3.60 -4.89 -2.99
CA GLY A 277 -2.71 -4.93 -4.13
C GLY A 277 -3.00 -6.11 -5.06
N TYR A 278 -3.33 -7.26 -4.49
CA TYR A 278 -3.55 -8.43 -5.33
C TYR A 278 -4.70 -8.11 -6.28
N LEU A 279 -5.71 -7.43 -5.75
CA LEU A 279 -6.84 -6.96 -6.58
C LEU A 279 -6.44 -5.92 -7.62
N SER A 280 -5.58 -5.00 -7.25
CA SER A 280 -4.99 -4.12 -8.25
C SER A 280 -4.38 -4.97 -9.37
N GLU A 281 -3.54 -5.93 -8.98
CA GLU A 281 -2.79 -6.80 -9.90
C GLU A 281 -3.74 -7.45 -10.89
N ALA A 282 -4.78 -8.08 -10.38
CA ALA A 282 -5.75 -8.77 -11.23
C ALA A 282 -6.57 -7.81 -12.04
N GLY A 283 -7.00 -6.75 -11.36
CA GLY A 283 -7.75 -5.70 -12.00
C GLY A 283 -6.96 -5.11 -13.14
N ALA A 284 -5.67 -4.84 -12.92
CA ALA A 284 -4.86 -4.33 -14.02
C ALA A 284 -5.00 -5.28 -15.24
N SER A 285 -5.08 -6.58 -14.98
CA SER A 285 -5.09 -7.57 -16.07
C SER A 285 -6.45 -7.68 -16.68
N LEU A 286 -7.47 -7.38 -15.90
CA LEU A 286 -8.84 -7.40 -16.37
C LEU A 286 -8.98 -6.30 -17.42
N VAL A 287 -8.53 -5.11 -17.06
CA VAL A 287 -8.58 -3.94 -17.90
C VAL A 287 -7.84 -4.19 -19.22
N ASP A 288 -6.60 -4.63 -19.12
CA ASP A 288 -5.85 -4.99 -20.31
C ASP A 288 -6.70 -5.88 -21.24
N GLN A 289 -7.29 -6.93 -20.68
CA GLN A 289 -8.16 -7.83 -21.45
C GLN A 289 -9.28 -7.10 -22.15
N LYS A 290 -9.99 -6.21 -21.46
CA LYS A 290 -11.16 -5.59 -22.08
C LYS A 290 -10.76 -4.62 -23.16
N LEU A 291 -9.69 -3.86 -22.93
CA LEU A 291 -9.20 -2.89 -23.92
C LEU A 291 -8.47 -3.62 -25.06
N GLU A 292 -8.20 -4.90 -24.83
CA GLU A 292 -7.52 -5.73 -25.80
C GLU A 292 -6.10 -5.23 -26.02
N LEU A 293 -5.46 -4.79 -24.94
CA LEU A 293 -4.07 -4.34 -25.03
C LEU A 293 -3.12 -5.48 -25.12
N ASN A 294 -3.33 -6.51 -24.29
CA ASN A 294 -2.41 -7.62 -24.28
C ASN A 294 -0.95 -7.31 -24.02
N ILE A 295 -0.70 -6.37 -23.12
CA ILE A 295 0.62 -6.23 -22.50
C ILE A 295 0.77 -6.81 -21.08
N VAL A 296 -0.35 -7.14 -20.44
CA VAL A 296 -0.38 -7.60 -19.05
C VAL A 296 -0.55 -9.14 -18.97
N PRO A 297 0.52 -9.85 -18.59
CA PRO A 297 0.42 -11.31 -18.50
C PRO A 297 -0.77 -11.68 -17.61
N ARG A 298 -1.54 -12.67 -18.02
CA ARG A 298 -2.84 -12.90 -17.44
C ARG A 298 -2.76 -13.06 -15.92
N THR A 299 -3.53 -12.26 -15.20
CA THR A 299 -3.43 -12.29 -13.74
C THR A 299 -4.79 -12.45 -13.10
N LYS A 300 -4.92 -13.42 -12.21
CA LYS A 300 -6.21 -13.58 -11.55
C LYS A 300 -6.05 -13.77 -10.04
N VAL A 301 -7.18 -13.63 -9.35
CA VAL A 301 -7.22 -13.94 -7.93
C VAL A 301 -7.23 -15.48 -7.72
N VAL A 302 -6.20 -15.98 -7.07
CA VAL A 302 -6.02 -17.41 -6.92
C VAL A 302 -5.68 -17.81 -5.48
N TYR A 303 -6.17 -18.97 -5.05
CA TYR A 303 -5.87 -19.51 -3.72
C TYR A 303 -4.79 -20.60 -3.79
N LEU A 304 -3.76 -20.51 -2.95
CA LEU A 304 -2.73 -21.56 -2.87
C LEU A 304 -2.37 -21.84 -1.41
N ALA A 305 -1.96 -23.08 -1.11
CA ALA A 305 -1.31 -23.36 0.17
C ALA A 305 0.08 -23.88 -0.14
N SER A 306 1.10 -23.29 0.47
CA SER A 306 2.47 -23.76 0.34
C SER A 306 3.27 -23.67 1.63
N GLU A 307 3.93 -24.75 1.98
CA GLU A 307 4.78 -24.75 3.15
C GLU A 307 5.79 -23.59 3.17
N THR A 308 6.20 -23.15 1.99
CA THR A 308 7.10 -22.01 1.91
C THR A 308 6.51 -20.65 2.27
N PHE A 309 5.18 -20.56 2.40
CA PHE A 309 4.60 -19.25 2.72
C PHE A 309 4.84 -18.91 4.19
N ASN A 310 4.42 -17.72 4.56
CA ASN A 310 4.57 -17.31 5.94
C ASN A 310 3.22 -17.37 6.65
N TYR A 311 3.03 -18.34 7.53
CA TYR A 311 1.72 -18.55 8.15
C TYR A 311 1.79 -18.22 9.65
N SER A 312 0.66 -17.89 10.25
CA SER A 312 0.63 -17.73 11.70
C SER A 312 1.09 -19.04 12.31
N ALA A 313 1.67 -18.96 13.52
CA ALA A 313 2.06 -20.15 14.27
C ALA A 313 0.84 -21.01 14.52
N ILE A 314 -0.28 -20.42 14.87
CA ILE A 314 -1.48 -21.24 15.06
C ILE A 314 -1.61 -22.14 13.85
N ASP A 315 -1.81 -21.53 12.69
CA ASP A 315 -1.94 -22.28 11.47
C ASP A 315 -0.87 -23.36 11.30
N ARG A 316 0.40 -23.00 11.51
CA ARG A 316 1.46 -24.01 11.42
C ARG A 316 1.16 -25.22 12.30
N VAL A 317 0.69 -24.96 13.51
CA VAL A 317 0.41 -26.04 14.45
C VAL A 317 -0.80 -26.86 14.03
N LYS A 318 -1.89 -26.22 13.63
CA LYS A 318 -3.08 -27.01 13.31
C LYS A 318 -2.89 -27.88 12.09
N SER A 319 -1.89 -27.57 11.27
CA SER A 319 -1.63 -28.36 10.06
C SER A 319 -1.25 -29.79 10.44
N ARG A 320 -0.88 -29.96 11.71
CA ARG A 320 -0.42 -31.21 12.31
C ARG A 320 1.00 -31.49 11.79
N GLY A 321 1.61 -30.50 11.13
CA GLY A 321 3.06 -30.50 10.93
C GLY A 321 3.60 -30.67 9.52
N ARG A 338 -3.45 -35.62 7.59
CA ARG A 338 -3.03 -34.35 8.20
C ARG A 338 -3.87 -33.18 7.68
N ILE A 339 -4.17 -32.24 8.57
CA ILE A 339 -5.05 -31.13 8.26
C ILE A 339 -4.51 -30.23 7.13
N GLY A 340 -3.20 -29.99 7.12
CA GLY A 340 -2.56 -29.03 6.22
C GLY A 340 -2.83 -27.55 6.38
N LEU A 341 -1.88 -26.75 5.91
CA LEU A 341 -1.96 -25.29 5.83
C LEU A 341 -3.19 -24.76 5.08
N PRO A 342 -3.78 -23.66 5.56
CA PRO A 342 -4.90 -23.13 4.78
C PRO A 342 -4.39 -22.53 3.46
N PRO A 343 -5.26 -22.50 2.44
CA PRO A 343 -4.88 -21.75 1.24
C PRO A 343 -4.93 -20.23 1.45
N LYS A 344 -3.95 -19.52 0.95
CA LYS A 344 -3.95 -18.06 0.98
C LYS A 344 -4.49 -17.46 -0.34
N VAL A 345 -5.18 -16.35 -0.23
CA VAL A 345 -5.71 -15.68 -1.39
C VAL A 345 -4.66 -14.71 -1.90
N GLY A 346 -4.44 -14.70 -3.21
CA GLY A 346 -3.40 -13.87 -3.80
C GLY A 346 -3.58 -13.62 -5.29
N SER A 347 -2.68 -12.82 -5.85
CA SER A 347 -2.65 -12.58 -7.28
C SER A 347 -1.75 -13.63 -7.89
N PHE A 348 -2.19 -14.20 -9.02
CA PHE A 348 -1.43 -15.23 -9.72
C PHE A 348 -1.17 -14.70 -11.12
N GLN A 349 0.08 -14.39 -11.40
CA GLN A 349 0.41 -13.78 -12.67
C GLN A 349 1.30 -14.72 -13.46
N LEU A 350 0.86 -15.05 -14.66
CA LEU A 350 1.64 -15.94 -15.54
C LEU A 350 3.01 -15.34 -15.75
N PHE A 351 3.99 -16.20 -15.88
CA PHE A 351 5.38 -15.82 -16.08
C PHE A 351 5.73 -15.76 -17.57
N VAL A 352 6.44 -14.73 -17.96
CA VAL A 352 6.77 -14.58 -19.37
C VAL A 352 8.27 -14.66 -19.47
N GLU A 353 8.75 -15.34 -20.52
CA GLU A 353 10.17 -15.56 -20.69
C GLU A 353 10.70 -14.79 -21.87
N GLY A 354 11.97 -14.36 -21.77
CA GLY A 354 12.64 -13.75 -22.90
C GLY A 354 12.69 -12.24 -22.78
N TYR A 355 12.25 -11.71 -21.64
CA TYR A 355 12.11 -10.27 -21.42
C TYR A 355 13.21 -9.72 -20.52
N LYS A 356 13.48 -8.45 -20.69
CA LYS A 356 14.40 -7.69 -19.88
C LYS A 356 13.79 -6.40 -19.44
N ASP A 357 14.47 -5.70 -18.54
CA ASP A 357 13.94 -4.44 -18.02
C ASP A 357 13.74 -3.44 -19.11
N ALA A 358 12.64 -2.69 -19.06
CA ALA A 358 12.47 -1.65 -20.05
C ALA A 358 13.78 -0.92 -20.03
N ASP A 359 14.25 -0.63 -18.82
CA ASP A 359 15.51 0.05 -18.59
C ASP A 359 16.68 -0.55 -19.34
N TYR A 360 16.82 -1.85 -19.19
CA TYR A 360 17.84 -2.58 -19.91
C TYR A 360 17.88 -2.31 -21.40
N TRP A 361 16.72 -2.42 -22.06
CA TRP A 361 16.66 -2.25 -23.50
C TRP A 361 16.78 -0.83 -23.97
N LEU A 362 16.10 0.10 -23.31
CA LEU A 362 16.12 1.47 -23.80
C LEU A 362 17.51 2.08 -23.78
N ARG A 363 18.27 1.70 -22.76
CA ARG A 363 19.66 2.10 -22.67
C ARG A 363 20.45 1.69 -23.91
N ARG A 364 20.28 0.45 -24.35
CA ARG A 364 20.96 -0.06 -25.55
C ARG A 364 20.45 0.56 -26.86
N PHE A 365 19.15 0.83 -26.97
CA PHE A 365 18.58 1.36 -28.20
C PHE A 365 19.10 2.78 -28.42
N GLU A 366 19.55 3.40 -27.33
CA GLU A 366 20.09 4.74 -27.42
C GLU A 366 21.50 4.75 -28.02
N ALA A 367 22.32 3.77 -27.64
CA ALA A 367 23.66 3.68 -28.20
C ALA A 367 23.60 3.12 -29.61
N GLU A 368 22.83 2.05 -29.79
CA GLU A 368 22.62 1.48 -31.09
C GLU A 368 21.12 1.50 -31.43
N PRO A 369 20.65 2.64 -32.00
CA PRO A 369 19.23 2.92 -32.31
C PRO A 369 18.55 1.89 -33.20
N LEU A 370 17.33 1.51 -32.85
CA LEU A 370 16.55 0.59 -33.67
C LEU A 370 16.25 1.19 -35.03
N PRO A 371 16.15 0.33 -36.07
CA PRO A 371 15.66 0.74 -37.38
C PRO A 371 14.22 1.26 -37.28
N GLU A 372 13.82 2.15 -38.17
CA GLU A 372 12.53 2.85 -38.04
C GLU A 372 11.43 1.84 -37.80
N ASN A 373 11.43 0.76 -38.56
CA ASN A 373 10.34 -0.21 -38.49
C ASN A 373 10.21 -0.95 -37.16
N THR A 374 11.32 -1.34 -36.57
CA THR A 374 11.28 -1.95 -35.26
C THR A 374 10.86 -0.90 -34.23
N ASN A 375 11.50 0.26 -34.29
CA ASN A 375 11.24 1.31 -33.33
C ASN A 375 9.78 1.73 -33.29
N ARG A 376 9.09 1.56 -34.42
CA ARG A 376 7.68 1.91 -34.47
C ARG A 376 6.88 0.83 -33.74
N GLN A 377 7.46 -0.35 -33.59
CA GLN A 377 6.76 -1.40 -32.88
C GLN A 377 6.91 -1.13 -31.39
N LEU A 378 8.05 -0.56 -31.00
CA LEU A 378 8.22 -0.20 -29.62
C LEU A 378 7.16 0.84 -29.29
N LEU A 379 7.16 1.96 -30.02
CA LEU A 379 6.18 3.03 -29.81
C LEU A 379 4.72 2.58 -29.71
N LEU A 380 4.30 1.67 -30.59
CA LEU A 380 2.92 1.16 -30.52
C LEU A 380 2.68 0.35 -29.23
N GLN A 381 3.70 -0.36 -28.77
CA GLN A 381 3.60 -1.09 -27.52
C GLN A 381 3.54 -0.11 -26.36
N PHE A 382 4.29 0.98 -26.48
CA PHE A 382 4.39 2.00 -25.44
C PHE A 382 3.06 2.68 -25.19
N GLU A 383 2.37 3.00 -26.28
CA GLU A 383 1.05 3.64 -26.21
C GLU A 383 0.10 2.78 -25.39
N ARG A 384 0.10 1.46 -25.65
CA ARG A 384 -0.72 0.55 -24.87
C ARG A 384 -0.41 0.65 -23.36
N LEU A 385 0.88 0.71 -23.02
CA LEU A 385 1.30 0.93 -21.64
C LEU A 385 0.75 2.21 -21.02
N VAL A 386 0.91 3.34 -21.73
CA VAL A 386 0.38 4.62 -21.27
C VAL A 386 -1.12 4.58 -21.04
N VAL A 387 -1.81 3.89 -21.93
CA VAL A 387 -3.25 3.79 -21.86
C VAL A 387 -3.61 2.96 -20.62
N LEU A 388 -2.92 1.84 -20.42
CA LEU A 388 -3.11 1.01 -19.22
C LEU A 388 -2.90 1.87 -17.95
N ASP A 389 -1.66 2.28 -17.74
CA ASP A 389 -1.31 3.12 -16.57
C ASP A 389 -2.24 4.32 -16.37
N TYR A 390 -2.56 5.05 -17.41
CA TYR A 390 -3.47 6.18 -17.22
C TYR A 390 -4.86 5.76 -16.75
N ILE A 391 -5.37 4.72 -17.37
CA ILE A 391 -6.71 4.28 -17.03
C ILE A 391 -6.81 3.78 -15.60
N ILE A 392 -5.86 2.97 -15.16
CA ILE A 392 -5.88 2.38 -13.82
C ILE A 392 -5.15 3.32 -12.85
N ARG A 393 -4.66 4.42 -13.39
CA ARG A 393 -3.94 5.40 -12.60
C ARG A 393 -2.82 4.75 -11.81
N ASN A 394 -1.92 4.12 -12.53
CA ASN A 394 -0.82 3.50 -11.85
C ASN A 394 -0.06 4.53 -11.04
N THR A 395 0.23 4.23 -9.79
CA THR A 395 1.10 5.06 -8.99
C THR A 395 2.58 4.65 -8.93
N ASP A 396 2.96 3.43 -9.32
CA ASP A 396 4.39 3.16 -9.25
C ASP A 396 5.05 2.49 -10.45
N ARG A 397 4.67 2.86 -11.67
CA ARG A 397 5.37 2.39 -12.86
C ARG A 397 6.72 3.08 -13.07
N GLY A 398 7.80 2.32 -12.91
CA GLY A 398 9.13 2.81 -13.23
C GLY A 398 9.65 2.02 -14.44
N ASN A 399 10.92 2.17 -14.78
CA ASN A 399 11.48 1.43 -15.91
C ASN A 399 11.90 0.01 -15.49
N ASP A 400 11.69 -0.31 -14.21
CA ASP A 400 11.87 -1.68 -13.74
C ASP A 400 10.54 -2.45 -13.68
N ASN A 401 9.44 -1.73 -13.84
CA ASN A 401 8.10 -2.27 -13.65
C ASN A 401 7.47 -2.74 -14.99
N TRP A 402 8.16 -2.45 -16.10
CA TRP A 402 7.76 -3.03 -17.37
C TRP A 402 8.95 -3.60 -18.12
N LEU A 403 8.65 -4.59 -18.95
CA LEU A 403 9.67 -5.42 -19.59
C LEU A 403 9.54 -5.34 -21.08
N ILE A 404 10.68 -5.43 -21.75
CA ILE A 404 10.69 -5.49 -23.20
C ILE A 404 11.29 -6.81 -23.67
N LYS A 405 10.74 -7.37 -24.73
CA LYS A 405 11.39 -8.51 -25.37
C LYS A 405 11.76 -8.11 -26.79
N TYR A 406 13.03 -8.29 -27.14
CA TYR A 406 13.49 -7.88 -28.44
C TYR A 406 14.15 -9.03 -29.16
N ASP A 407 13.53 -9.47 -30.24
CA ASP A 407 14.03 -10.58 -31.04
C ASP A 407 14.96 -10.08 -32.16
N ASP A 419 0.06 -11.52 -48.75
CA ASP A 419 0.41 -12.73 -49.49
C ASP A 419 -0.11 -14.00 -48.80
N TRP A 420 -0.35 -13.86 -47.50
CA TRP A 420 -0.52 -14.99 -46.58
C TRP A 420 -1.68 -14.78 -45.57
N VAL A 421 -2.11 -15.87 -44.93
CA VAL A 421 -3.22 -15.86 -43.97
C VAL A 421 -2.88 -15.42 -42.56
N VAL A 422 -1.59 -15.15 -42.29
CA VAL A 422 -1.04 -14.90 -40.95
C VAL A 422 -0.12 -13.63 -40.92
N VAL A 423 -0.21 -12.91 -39.79
CA VAL A 423 0.53 -11.67 -39.51
C VAL A 423 1.95 -11.93 -39.05
N LYS A 424 2.94 -11.34 -39.73
CA LYS A 424 4.32 -11.52 -39.27
C LYS A 424 4.49 -11.14 -37.79
N GLU A 425 5.20 -11.98 -37.05
CA GLU A 425 5.48 -11.75 -35.63
C GLU A 425 6.17 -10.41 -35.46
N PRO A 426 5.91 -9.73 -34.34
CA PRO A 426 6.61 -8.50 -33.97
C PRO A 426 8.00 -8.83 -33.44
N VAL A 427 8.99 -8.00 -33.76
CA VAL A 427 10.33 -8.11 -33.20
C VAL A 427 10.34 -7.71 -31.73
N ILE A 428 9.68 -6.60 -31.43
CA ILE A 428 9.64 -6.08 -30.07
C ILE A 428 8.26 -6.17 -29.40
N LYS A 429 8.27 -6.42 -28.09
CA LYS A 429 7.04 -6.65 -27.32
C LYS A 429 7.20 -6.19 -25.86
N VAL A 430 6.11 -5.69 -25.30
CA VAL A 430 6.14 -5.06 -23.98
C VAL A 430 5.28 -5.82 -22.95
N ALA A 431 5.87 -6.23 -21.82
CA ALA A 431 5.07 -6.78 -20.73
C ALA A 431 4.95 -5.81 -19.55
N ALA A 432 3.74 -5.61 -19.07
CA ALA A 432 3.54 -4.72 -17.93
C ALA A 432 3.33 -5.58 -16.68
N ILE A 433 4.34 -5.64 -15.80
CA ILE A 433 4.26 -6.45 -14.57
C ILE A 433 4.01 -5.56 -13.34
N ASP A 434 3.92 -6.16 -12.14
CA ASP A 434 3.96 -5.39 -10.88
C ASP A 434 2.91 -4.26 -10.84
N ASN A 435 1.65 -4.63 -11.01
CA ASN A 435 0.57 -3.66 -11.14
C ASN A 435 -0.22 -3.42 -9.84
N GLY A 436 0.23 -3.95 -8.70
CA GLY A 436 -0.54 -3.83 -7.46
C GLY A 436 -0.74 -2.51 -6.70
N LEU A 437 -0.06 -1.48 -7.16
CA LEU A 437 -0.09 -0.10 -6.65
C LEU A 437 -1.02 0.87 -7.43
N ALA A 438 -1.93 0.33 -8.22
CA ALA A 438 -2.92 1.14 -8.95
C ALA A 438 -4.29 1.24 -8.32
N PHE A 439 -5.22 1.81 -9.08
CA PHE A 439 -6.60 1.98 -8.61
C PHE A 439 -6.75 2.84 -7.35
N PRO A 440 -6.19 4.07 -7.38
CA PRO A 440 -6.20 4.91 -6.18
C PRO A 440 -7.57 5.45 -5.85
N LEU A 441 -7.76 5.76 -4.57
CA LEU A 441 -8.95 6.38 -4.00
C LEU A 441 -9.10 7.85 -4.48
N LYS A 442 -8.05 8.39 -5.08
CA LYS A 442 -8.02 9.79 -5.42
C LYS A 442 -6.68 10.18 -6.05
N HIS A 443 -6.64 11.33 -6.71
CA HIS A 443 -5.39 11.77 -7.32
C HIS A 443 -4.37 12.15 -6.22
N PRO A 444 -3.09 11.78 -6.38
CA PRO A 444 -2.04 12.16 -5.42
C PRO A 444 -1.95 13.64 -5.21
N ASP A 445 -1.70 14.04 -3.96
CA ASP A 445 -1.65 15.43 -3.52
C ASP A 445 -0.54 16.26 -4.18
N SER A 446 0.65 15.67 -4.32
CA SER A 446 1.75 16.28 -5.05
C SER A 446 2.12 15.37 -6.22
N TRP A 447 1.82 15.82 -7.45
CA TRP A 447 2.02 14.97 -8.61
C TRP A 447 3.47 14.50 -8.69
N ARG A 448 4.37 15.27 -8.08
CA ARG A 448 5.79 14.90 -8.03
C ARG A 448 6.08 13.63 -7.20
N ALA A 449 5.30 13.40 -6.14
CA ALA A 449 5.48 12.21 -5.30
C ALA A 449 5.05 10.93 -6.05
N TYR A 450 3.95 10.96 -6.79
CA TYR A 450 3.49 9.79 -7.53
C TYR A 450 3.31 10.10 -9.02
N PRO A 451 4.42 10.32 -9.73
CA PRO A 451 4.20 10.73 -11.12
C PRO A 451 3.97 9.54 -12.01
N PHE A 452 3.88 9.82 -13.31
CA PHE A 452 4.02 8.79 -14.30
C PHE A 452 5.44 8.88 -14.84
N TYR A 453 6.27 7.91 -14.46
CA TYR A 453 7.67 8.05 -14.80
C TYR A 453 7.83 8.10 -16.32
N TRP A 454 7.11 7.25 -17.04
CA TRP A 454 7.37 7.17 -18.47
C TRP A 454 7.16 8.51 -19.21
N ALA A 455 6.53 9.47 -18.53
CA ALA A 455 6.31 10.81 -19.09
C ALA A 455 7.57 11.56 -19.46
N TRP A 456 8.68 11.28 -18.76
CA TRP A 456 9.97 11.91 -19.02
C TRP A 456 10.80 11.16 -20.03
N LEU A 457 10.27 10.08 -20.58
CA LEU A 457 10.94 9.36 -21.65
C LEU A 457 10.66 10.08 -22.96
N PRO A 458 11.59 9.98 -23.91
CA PRO A 458 11.38 10.70 -25.17
C PRO A 458 10.19 10.17 -25.95
N GLN A 459 9.92 8.89 -25.79
CA GLN A 459 8.81 8.26 -26.49
C GLN A 459 7.50 8.91 -26.10
N ALA A 460 7.46 9.49 -24.91
CA ALA A 460 6.24 10.11 -24.43
C ALA A 460 5.95 11.38 -25.21
N LYS A 461 6.92 11.82 -26.00
CA LYS A 461 6.78 13.03 -26.80
C LYS A 461 5.97 12.80 -28.08
N VAL A 462 5.86 11.56 -28.54
CA VAL A 462 5.25 11.22 -29.82
C VAL A 462 3.70 11.13 -29.80
N PRO A 463 3.04 11.81 -30.75
CA PRO A 463 1.58 11.87 -30.75
C PRO A 463 0.93 10.51 -30.84
N PHE A 464 -0.16 10.34 -30.13
CA PHE A 464 -0.87 9.09 -30.14
C PHE A 464 -1.09 8.70 -31.59
N SER A 465 -0.75 7.47 -31.94
CA SER A 465 -0.92 6.97 -33.30
C SER A 465 -2.40 6.73 -33.62
N GLN A 466 -2.79 6.86 -34.88
CA GLN A 466 -4.16 6.51 -35.24
C GLN A 466 -4.45 5.07 -34.79
N GLU A 467 -3.46 4.19 -34.84
CA GLU A 467 -3.73 2.83 -34.39
C GLU A 467 -4.28 2.75 -32.94
N ILE A 468 -3.76 3.54 -32.01
CA ILE A 468 -4.26 3.38 -30.65
C ILE A 468 -5.64 4.00 -30.58
N LYS A 469 -5.83 5.09 -31.29
CA LYS A 469 -7.11 5.75 -31.27
C LYS A 469 -8.16 4.77 -31.79
N ASP A 470 -7.78 3.99 -32.80
CA ASP A 470 -8.69 3.01 -33.42
C ASP A 470 -9.06 1.85 -32.54
N LEU A 471 -8.06 1.38 -31.81
CA LEU A 471 -8.22 0.37 -30.82
C LEU A 471 -9.04 0.88 -29.65
N ILE A 472 -8.75 2.09 -29.19
CA ILE A 472 -9.25 2.49 -27.91
C ILE A 472 -10.46 3.40 -27.81
N LEU A 473 -10.63 4.31 -28.77
CA LEU A 473 -11.73 5.26 -28.73
C LEU A 473 -13.12 4.60 -28.82
N PRO A 474 -13.27 3.57 -29.68
CA PRO A 474 -14.60 2.94 -29.76
C PRO A 474 -15.05 2.29 -28.45
N LYS A 475 -14.08 1.78 -27.69
CA LYS A 475 -14.44 1.20 -26.38
C LYS A 475 -14.79 2.24 -25.31
N ILE A 476 -13.88 3.18 -25.08
CA ILE A 476 -13.99 4.09 -23.94
C ILE A 476 -14.96 5.24 -24.16
N SER A 477 -15.35 5.39 -25.42
CA SER A 477 -16.44 6.26 -25.86
C SER A 477 -17.80 5.64 -25.70
N ASP A 478 -17.83 4.32 -25.55
CA ASP A 478 -19.10 3.66 -25.37
C ASP A 478 -19.38 3.57 -23.91
N PRO A 479 -20.35 4.36 -23.48
CA PRO A 479 -20.69 4.38 -22.05
C PRO A 479 -21.05 2.98 -21.58
N ASN A 480 -21.62 2.12 -22.42
CA ASN A 480 -21.89 0.75 -21.97
C ASN A 480 -20.66 -0.12 -21.79
N PHE A 481 -19.54 0.29 -22.39
CA PHE A 481 -18.29 -0.42 -22.19
C PHE A 481 -17.75 -0.02 -20.81
N VAL A 482 -17.71 1.28 -20.54
CA VAL A 482 -17.22 1.78 -19.28
C VAL A 482 -18.10 1.29 -18.14
N LYS A 483 -19.40 1.20 -18.37
CA LYS A 483 -20.33 0.62 -17.39
C LYS A 483 -19.93 -0.82 -17.11
N ASP A 484 -19.78 -1.58 -18.18
CA ASP A 484 -19.43 -2.99 -18.10
C ASP A 484 -18.09 -3.13 -17.36
N LEU A 485 -17.15 -2.23 -17.66
CA LEU A 485 -15.85 -2.26 -17.03
C LEU A 485 -15.98 -2.06 -15.52
N GLU A 486 -16.89 -1.17 -15.14
CA GLU A 486 -17.07 -0.96 -13.72
C GLU A 486 -17.78 -2.18 -13.06
N GLU A 487 -18.65 -2.87 -13.80
CA GLU A 487 -19.29 -4.03 -13.18
C GLU A 487 -18.29 -5.16 -12.98
N ASP A 488 -17.40 -5.33 -13.94
CA ASP A 488 -16.40 -6.39 -13.85
C ASP A 488 -15.43 -6.13 -12.70
N LEU A 489 -14.96 -4.88 -12.59
CA LEU A 489 -14.12 -4.47 -11.47
C LEU A 489 -14.85 -4.65 -10.17
N TYR A 490 -16.12 -4.32 -10.17
CA TYR A 490 -16.89 -4.49 -8.95
C TYR A 490 -16.98 -5.97 -8.53
N GLU A 491 -17.25 -6.83 -9.50
CA GLU A 491 -17.39 -8.24 -9.19
C GLU A 491 -16.06 -8.76 -8.71
N LEU A 492 -14.99 -8.11 -9.13
CA LEU A 492 -13.66 -8.47 -8.66
C LEU A 492 -13.34 -7.95 -7.28
N PHE A 493 -13.57 -6.66 -7.05
CA PHE A 493 -13.12 -6.03 -5.82
C PHE A 493 -13.96 -6.42 -4.57
N LYS A 494 -15.26 -6.61 -4.75
CA LYS A 494 -16.21 -6.94 -3.68
C LYS A 494 -15.92 -8.26 -3.01
N LYS A 495 -15.16 -9.11 -3.67
CA LYS A 495 -14.86 -10.38 -3.09
C LYS A 495 -13.99 -10.30 -1.86
N ASP A 496 -13.29 -9.17 -1.71
CA ASP A 496 -12.45 -8.95 -0.57
C ASP A 496 -13.27 -8.72 0.71
N PRO A 497 -12.93 -9.43 1.79
CA PRO A 497 -13.61 -9.23 3.09
C PRO A 497 -13.64 -7.75 3.54
N GLY A 498 -12.54 -7.03 3.35
CA GLY A 498 -12.45 -5.62 3.72
C GLY A 498 -12.95 -4.64 2.66
N PHE A 499 -13.72 -5.15 1.70
CA PHE A 499 -14.31 -4.31 0.66
C PHE A 499 -15.21 -3.26 1.25
N ASP A 500 -15.18 -2.07 0.68
CA ASP A 500 -16.05 -0.98 1.10
C ASP A 500 -16.66 -0.27 -0.09
N ARG A 501 -17.98 -0.34 -0.20
CA ARG A 501 -18.68 0.27 -1.32
C ARG A 501 -18.34 1.73 -1.57
N GLY A 502 -18.09 2.48 -0.50
CA GLY A 502 -17.82 3.90 -0.62
C GLY A 502 -16.45 4.11 -1.20
N GLN A 503 -15.50 3.31 -0.74
CA GLN A 503 -14.16 3.33 -1.28
C GLN A 503 -14.17 3.03 -2.80
N PHE A 504 -14.97 2.04 -3.19
CA PHE A 504 -15.07 1.62 -4.58
C PHE A 504 -15.48 2.75 -5.51
N HIS A 505 -16.51 3.47 -5.09
CA HIS A 505 -17.07 4.54 -5.87
C HIS A 505 -15.99 5.60 -6.13
N LYS A 506 -15.19 5.87 -5.10
CA LYS A 506 -14.11 6.82 -5.27
C LYS A 506 -13.08 6.33 -6.27
N GLN A 507 -12.79 5.03 -6.24
CA GLN A 507 -11.85 4.45 -7.17
C GLN A 507 -12.32 4.63 -8.63
N ILE A 508 -13.57 4.22 -8.86
CA ILE A 508 -14.29 4.41 -10.11
C ILE A 508 -14.34 5.87 -10.57
N ALA A 509 -14.50 6.80 -9.64
CA ALA A 509 -14.57 8.21 -9.96
C ALA A 509 -13.27 8.63 -10.61
N VAL A 510 -12.16 8.34 -9.94
CA VAL A 510 -10.85 8.55 -10.56
C VAL A 510 -10.78 7.90 -11.94
N MET A 511 -11.19 6.65 -12.03
CA MET A 511 -11.05 5.94 -13.27
C MET A 511 -11.86 6.60 -14.40
N ARG A 512 -13.06 7.04 -14.05
CA ARG A 512 -13.95 7.73 -14.97
C ARG A 512 -13.38 9.09 -15.40
N GLY A 513 -12.65 9.73 -14.48
CA GLY A 513 -11.98 11.00 -14.77
C GLY A 513 -10.75 10.83 -15.63
N GLN A 514 -10.01 9.75 -15.38
CA GLN A 514 -8.90 9.37 -16.24
C GLN A 514 -9.40 9.03 -17.67
N ILE A 515 -10.45 8.21 -17.77
CA ILE A 515 -11.06 7.94 -19.06
C ILE A 515 -11.51 9.20 -19.78
N LEU A 516 -12.11 10.14 -19.06
CA LEU A 516 -12.59 11.41 -19.61
C LEU A 516 -11.45 12.16 -20.32
N ASN A 517 -10.34 12.28 -19.61
CA ASN A 517 -9.13 12.91 -20.13
C ASN A 517 -8.56 12.15 -21.31
N LEU A 518 -8.51 10.81 -21.20
CA LEU A 518 -7.89 10.01 -22.25
C LEU A 518 -8.64 10.08 -23.55
N THR A 519 -9.96 10.00 -23.45
CA THR A 519 -10.83 10.14 -24.60
C THR A 519 -10.44 11.40 -25.42
N GLN A 520 -10.34 12.57 -24.77
CA GLN A 520 -10.07 13.81 -25.51
C GLN A 520 -8.64 13.95 -25.97
N ALA A 521 -7.72 13.38 -25.21
CA ALA A 521 -6.33 13.37 -25.65
C ALA A 521 -6.22 12.61 -26.97
N LEU A 522 -6.88 11.46 -27.02
CA LEU A 522 -6.91 10.63 -28.20
C LEU A 522 -7.62 11.34 -29.34
N LYS A 523 -8.74 12.00 -29.07
CA LYS A 523 -9.42 12.71 -30.14
C LYS A 523 -8.58 13.82 -30.72
N ASP A 524 -7.80 14.46 -29.88
CA ASP A 524 -6.98 15.58 -30.30
C ASP A 524 -5.61 15.16 -30.78
N ASN A 525 -5.33 13.87 -30.74
CA ASN A 525 -4.02 13.41 -31.14
C ASN A 525 -2.84 13.99 -30.34
N LYS A 526 -3.04 14.11 -29.02
CA LYS A 526 -2.02 14.56 -28.06
C LYS A 526 -0.95 13.49 -27.85
N SER A 527 0.24 13.88 -27.40
CA SER A 527 1.24 12.91 -26.99
C SER A 527 0.82 12.31 -25.65
N PRO A 528 1.52 11.25 -25.22
CA PRO A 528 1.30 10.75 -23.86
C PRO A 528 1.70 11.84 -22.90
N LEU A 529 2.76 12.57 -23.22
CA LEU A 529 3.20 13.62 -22.29
C LEU A 529 2.16 14.73 -22.09
N HIS A 530 1.55 15.20 -23.18
CA HIS A 530 0.50 16.24 -23.09
C HIS A 530 -0.73 15.72 -22.38
N LEU A 531 -0.90 14.41 -22.44
CA LEU A 531 -1.97 13.76 -21.71
C LEU A 531 -1.82 13.91 -20.23
N VAL A 532 -0.62 13.72 -19.71
CA VAL A 532 -0.44 13.78 -18.28
C VAL A 532 -0.46 15.24 -17.75
N GLN A 533 -0.17 16.20 -18.61
CA GLN A 533 -0.29 17.62 -18.25
C GLN A 533 -1.76 18.08 -18.13
N MET A 534 -2.67 17.35 -18.75
CA MET A 534 -4.09 17.59 -18.52
C MET A 534 -4.34 17.51 -17.03
N PRO A 535 -4.97 18.54 -16.47
CA PRO A 535 -5.31 18.55 -15.04
C PRO A 535 -6.15 17.35 -14.68
N PRO A 536 -5.71 16.56 -13.69
CA PRO A 536 -6.51 15.43 -13.19
C PRO A 536 -7.92 15.79 -12.73
N VAL A 537 -8.91 14.97 -13.07
CA VAL A 537 -10.29 15.22 -12.66
C VAL A 537 -10.87 13.94 -12.08
N ILE A 538 -12.01 14.05 -11.42
CA ILE A 538 -12.79 12.88 -11.05
C ILE A 538 -14.24 13.07 -11.51
N VAL A 539 -14.89 11.99 -11.92
CA VAL A 539 -16.31 12.07 -12.26
C VAL A 539 -17.15 11.42 -11.15
N GLU A 540 -17.81 12.27 -10.35
CA GLU A 540 -18.46 11.83 -9.12
C GLU A 540 -19.96 11.78 -9.21
N THR A 541 -20.54 10.67 -8.76
CA THR A 541 -21.98 10.48 -8.69
C THR A 541 -22.60 11.02 -7.40
N ALA A 542 -23.89 10.72 -7.16
CA ALA A 542 -24.74 11.40 -6.16
C ALA A 542 -24.75 12.87 -6.57
C2 M59 B . 8.67 -11.08 -13.94
N3 M59 B . 9.32 -11.75 -14.94
C4 M59 B . 8.63 -12.44 -15.85
N5 M59 B . 7.28 -12.49 -15.83
C6 M59 B . 6.57 -11.84 -14.89
C7 M59 B . 7.28 -11.12 -13.92
N8 M59 B . 5.08 -11.92 -14.94
N14 M59 B . 6.89 -10.35 -12.85
C15 M59 B . 8.02 -9.89 -12.25
N18 M59 B . 9.11 -10.33 -12.92
C1 M59 B . 10.52 -9.99 -12.56
C3 M59 B . 10.56 -8.56 -12.00
C5 M59 B . 10.77 -8.79 -10.50
C8 M59 B . 12.23 -9.09 -10.30
C9 M59 B . 12.36 -10.44 -11.01
C10 M59 B . 10.92 -10.80 -11.36
C11 M59 B . 10.14 -10.13 -10.25
C12 M59 B . 10.28 -7.66 -9.58
O13 M59 B . 8.92 -7.81 -9.18
PB ADP C . 3.64 23.48 -11.02
O1B ADP C . 2.35 24.08 -11.56
O2B ADP C . 4.57 24.49 -10.40
O3B ADP C . 3.46 22.21 -10.23
PA ADP C . 3.61 22.30 -13.50
O1A ADP C . 3.14 23.37 -14.49
O2A ADP C . 2.60 21.46 -12.75
O3A ADP C . 4.44 23.02 -12.33
O5' ADP C . 4.71 21.37 -14.25
C5' ADP C . 4.63 21.10 -15.64
C4' ADP C . 3.46 20.15 -15.93
O4' ADP C . 3.97 18.93 -16.47
C3' ADP C . 2.63 19.73 -14.72
O3' ADP C . 1.33 20.32 -14.75
C2' ADP C . 2.42 18.25 -14.77
O2' ADP C . 1.01 18.00 -14.78
C1' ADP C . 3.13 17.84 -16.06
N9 ADP C . 3.90 16.58 -15.89
C8 ADP C . 5.13 16.34 -16.41
N7 ADP C . 5.55 15.09 -16.08
C5 ADP C . 4.56 14.52 -15.35
C6 ADP C . 4.36 13.23 -14.71
N6 ADP C . 5.33 12.32 -14.80
N1 ADP C . 3.20 12.97 -14.04
C2 ADP C . 2.24 13.91 -13.96
N3 ADP C . 2.37 15.14 -14.54
C4 ADP C . 3.47 15.49 -15.24
H5'1 ADP C . 5.56 20.64 -15.98
H5'2 ADP C . 4.48 22.03 -16.19
H4' ADP C . 2.80 20.62 -16.66
H3' ADP C . 3.16 19.99 -13.79
HO3' ADP C . 0.83 20.03 -13.98
H2' ADP C . 2.91 17.78 -13.92
HO2' ADP C . 0.62 18.34 -13.95
H1' ADP C . 2.35 17.68 -16.83
H8 ADP C . 5.71 17.05 -16.98
HN61 ADP C . 5.22 11.42 -14.37
HN62 ADP C . 6.17 12.55 -15.30
H2 ADP C . 1.33 13.68 -13.42
#